data_3WU1
#
_entry.id   3WU1
#
_cell.length_a   102.278
_cell.length_b   140.902
_cell.length_c   95.768
_cell.angle_alpha   90.00
_cell.angle_beta   90.00
_cell.angle_gamma   90.00
#
_symmetry.space_group_name_H-M   'C 2 2 21'
#
loop_
_entity.id
_entity.type
_entity.pdbx_description
1 polymer 'Runt-related transcription factor 1'
2 polymer 'Protein C-ets-1'
3 polymer "DNA (5'-D(*GP*GP*AP*AP*GP*CP*CP*AP*CP*AP*TP*CP*CP*TP*CP*T)-3')"
4 polymer "DNA (5'-D(*CP*AP*GP*AP*GP*GP*AP*TP*GP*TP*GP*GP*CP*TP*TP*C)-3')"
5 water water
#
loop_
_entity_poly.entity_id
_entity_poly.type
_entity_poly.pdbx_seq_one_letter_code
_entity_poly.pdbx_strand_id
1 'polypeptide(L)'
;LADHPGELVRTDSPNFLCSVLPTHWRCNKTLPIAFKVVALGDVPDGTLVTVMAGNDENYSAELRNATAAMKNQVARFNDL
RFVGRSGRGKSFTLTITVFTNPPQVATYHRAIKITVDGPREPR
;
A
2 'polypeptide(L)'
;GPIQLWQFLLELLTDKSCQSFISWTGDGWEFKLSDPDEVARRWGKRKNKPKMNYEKLSRGLRYYYDKNIIHKTAGKRYVY
RFVCDLQSLLGYTPEELHAMLDVKPDADE
;
B
3 'polydeoxyribonucleotide' (DG)(DG)(DA)(DA)(DG)(DC)(DC)(DA)(DC)(DA)(DT)(DC)(DC)(DT)(DC)(DT) C
4 'polydeoxyribonucleotide' (DC)(DA)(DG)(DA)(DG)(DG)(DA)(DT)(DG)(DT)(DG)(DG)(DC)(DT)(DT)(DC) D
#
# COMPACT_ATOMS: atom_id res chain seq x y z
N LEU A 1 -19.04 -22.99 19.67
CA LEU A 1 -20.00 -22.80 18.55
C LEU A 1 -21.41 -22.56 19.10
N ALA A 2 -21.51 -21.69 20.11
CA ALA A 2 -22.78 -21.40 20.76
C ALA A 2 -23.08 -19.93 21.01
N ASP A 3 -22.37 -19.37 21.98
CA ASP A 3 -22.51 -17.98 22.45
C ASP A 3 -22.35 -16.83 21.44
N HIS A 4 -21.71 -17.12 20.32
CA HIS A 4 -21.53 -16.17 19.23
C HIS A 4 -21.70 -17.10 18.05
N PRO A 5 -22.94 -17.55 17.82
CA PRO A 5 -23.37 -18.47 16.77
C PRO A 5 -22.56 -18.46 15.48
N GLY A 6 -22.78 -17.45 14.64
CA GLY A 6 -22.06 -17.38 13.39
C GLY A 6 -20.73 -16.65 13.42
N GLU A 7 -20.19 -16.40 14.60
CA GLU A 7 -18.92 -15.67 14.72
C GLU A 7 -17.66 -16.53 14.83
N LEU A 8 -17.79 -17.85 14.69
CA LEU A 8 -16.62 -18.73 14.79
C LEU A 8 -16.69 -19.97 13.90
N VAL A 9 -15.56 -20.28 13.27
CA VAL A 9 -15.47 -21.45 12.41
C VAL A 9 -14.46 -22.40 13.04
N ARG A 10 -14.56 -23.68 12.72
CA ARG A 10 -13.65 -24.66 13.27
C ARG A 10 -12.40 -24.79 12.41
N THR A 11 -11.26 -24.95 13.06
CA THR A 11 -9.98 -25.12 12.37
C THR A 11 -9.74 -26.62 12.28
N ASP A 12 -8.73 -27.05 11.55
CA ASP A 12 -8.45 -28.48 11.42
C ASP A 12 -7.96 -29.07 12.75
N SER A 13 -8.01 -28.29 13.81
CA SER A 13 -7.58 -28.75 15.14
C SER A 13 -8.74 -28.71 16.13
N PRO A 14 -8.99 -29.84 16.83
CA PRO A 14 -10.08 -29.91 17.79
C PRO A 14 -9.88 -29.10 19.09
N ASN A 15 -8.79 -28.34 19.20
CA ASN A 15 -8.56 -27.54 20.40
C ASN A 15 -8.59 -26.05 20.08
N PHE A 16 -8.87 -25.71 18.83
CA PHE A 16 -8.90 -24.31 18.44
C PHE A 16 -9.96 -23.89 17.44
N LEU A 17 -10.48 -22.68 17.63
CA LEU A 17 -11.49 -22.10 16.75
C LEU A 17 -11.03 -20.67 16.45
N CYS A 18 -11.32 -20.18 15.26
CA CYS A 18 -10.94 -18.81 14.90
C CYS A 18 -12.12 -18.06 14.27
N SER A 19 -12.08 -16.74 14.34
CA SER A 19 -13.14 -15.91 13.77
C SER A 19 -13.32 -16.25 12.28
N VAL A 20 -14.51 -16.02 11.76
CA VAL A 20 -14.74 -16.27 10.34
C VAL A 20 -14.14 -15.07 9.63
N LEU A 21 -13.44 -15.32 8.53
CA LEU A 21 -12.83 -14.22 7.79
C LEU A 21 -13.61 -13.93 6.53
N PRO A 22 -13.51 -12.70 6.02
CA PRO A 22 -14.23 -12.35 4.80
C PRO A 22 -13.76 -13.33 3.71
N THR A 23 -14.66 -13.66 2.80
CA THR A 23 -14.32 -14.55 1.72
C THR A 23 -13.32 -13.88 0.76
N HIS A 24 -13.33 -12.56 0.70
CA HIS A 24 -12.46 -11.82 -0.22
C HIS A 24 -12.25 -10.42 0.34
N TRP A 25 -10.99 -10.04 0.55
CA TRP A 25 -10.70 -8.71 1.09
C TRP A 25 -9.59 -7.97 0.34
N ARG A 26 -9.57 -6.64 0.49
CA ARG A 26 -8.57 -5.80 -0.16
C ARG A 26 -7.25 -5.88 0.62
N CYS A 27 -6.12 -6.00 -0.09
CA CYS A 27 -4.86 -6.10 0.63
C CYS A 27 -4.52 -4.80 1.34
N ASN A 28 -3.98 -4.97 2.54
CA ASN A 28 -3.59 -3.90 3.45
C ASN A 28 -4.77 -3.16 4.06
N LYS A 29 -5.98 -3.67 3.83
CA LYS A 29 -7.16 -3.05 4.39
C LYS A 29 -7.51 -3.74 5.70
N THR A 30 -7.98 -2.98 6.68
CA THR A 30 -8.35 -3.53 7.98
C THR A 30 -9.54 -4.45 7.87
N LEU A 31 -9.49 -5.56 8.61
CA LEU A 31 -10.59 -6.52 8.61
C LEU A 31 -11.79 -5.88 9.29
N PRO A 32 -13.00 -6.19 8.83
CA PRO A 32 -14.23 -5.61 9.41
C PRO A 32 -14.52 -6.17 10.81
N ILE A 33 -13.95 -7.33 11.10
CA ILE A 33 -14.11 -8.01 12.39
C ILE A 33 -12.74 -8.47 12.88
N ALA A 34 -12.35 -8.05 14.08
CA ALA A 34 -11.04 -8.42 14.61
C ALA A 34 -10.87 -9.94 14.64
N PHE A 35 -9.81 -10.42 14.00
CA PHE A 35 -9.54 -11.84 13.95
C PHE A 35 -9.16 -12.35 15.34
N LYS A 36 -9.80 -13.43 15.76
CA LYS A 36 -9.53 -14.01 17.07
C LYS A 36 -9.33 -15.52 16.98
N VAL A 37 -8.41 -16.03 17.77
CA VAL A 37 -8.15 -17.46 17.83
C VAL A 37 -8.60 -17.88 19.23
N VAL A 38 -9.61 -18.75 19.29
CA VAL A 38 -10.15 -19.20 20.56
C VAL A 38 -9.66 -20.59 20.96
N ALA A 39 -9.06 -20.66 22.15
CA ALA A 39 -8.55 -21.92 22.67
C ALA A 39 -9.60 -22.60 23.53
N LEU A 40 -9.93 -23.84 23.18
CA LEU A 40 -10.89 -24.61 23.97
C LEU A 40 -10.18 -25.13 25.22
N GLY A 41 -9.05 -25.82 25.03
CA GLY A 41 -8.30 -26.33 26.17
C GLY A 41 -7.68 -25.19 26.96
N ASP A 42 -6.95 -25.52 28.02
CA ASP A 42 -6.32 -24.49 28.84
C ASP A 42 -5.03 -23.97 28.22
N VAL A 43 -5.06 -22.71 27.80
CA VAL A 43 -3.89 -22.09 27.20
C VAL A 43 -3.57 -20.89 28.08
N PRO A 44 -2.46 -20.96 28.82
CA PRO A 44 -2.05 -19.88 29.72
C PRO A 44 -2.02 -18.48 29.13
N ASP A 45 -2.60 -17.54 29.87
CA ASP A 45 -2.61 -16.14 29.46
C ASP A 45 -1.17 -15.76 29.12
N GLY A 46 -1.01 -14.94 28.09
CA GLY A 46 0.32 -14.51 27.69
C GLY A 46 0.89 -15.27 26.50
N THR A 47 0.41 -16.51 26.29
CA THR A 47 0.88 -17.35 25.19
C THR A 47 0.76 -16.64 23.84
N LEU A 48 1.85 -16.62 23.09
CA LEU A 48 1.87 -15.97 21.79
C LEU A 48 1.18 -16.81 20.74
N VAL A 49 0.61 -16.11 19.76
CA VAL A 49 -0.10 -16.74 18.66
C VAL A 49 0.22 -15.96 17.40
N THR A 50 0.69 -16.66 16.37
CA THR A 50 0.99 -16.00 15.12
C THR A 50 0.20 -16.68 14.03
N VAL A 51 -0.05 -15.96 12.96
CA VAL A 51 -0.79 -16.52 11.85
C VAL A 51 0.01 -16.30 10.58
N MET A 52 0.09 -17.31 9.74
CA MET A 52 0.79 -17.18 8.47
C MET A 52 -0.20 -17.52 7.37
N ALA A 53 -0.16 -16.74 6.30
CA ALA A 53 -1.06 -16.98 5.19
C ALA A 53 -0.27 -17.40 3.97
N GLY A 54 -0.90 -18.14 3.08
CA GLY A 54 -0.20 -18.57 1.89
C GLY A 54 -0.89 -19.70 1.15
N ASN A 55 -0.51 -19.88 -0.12
CA ASN A 55 -1.07 -20.94 -0.94
C ASN A 55 -0.06 -21.27 -2.04
N ASP A 56 -0.51 -21.93 -3.10
CA ASP A 56 0.37 -22.30 -4.22
C ASP A 56 0.97 -21.10 -4.93
N GLU A 57 0.55 -19.89 -4.56
CA GLU A 57 1.07 -18.69 -5.19
C GLU A 57 2.14 -18.04 -4.30
N ASN A 58 1.89 -18.05 -3.00
CA ASN A 58 2.84 -17.51 -2.03
C ASN A 58 2.99 -18.56 -0.96
N TYR A 59 4.15 -19.20 -0.83
CA TYR A 59 4.24 -20.17 0.25
C TYR A 59 4.10 -19.32 1.51
N SER A 60 4.50 -18.05 1.37
CA SER A 60 4.46 -17.10 2.46
C SER A 60 4.01 -15.73 1.98
N ALA A 61 2.89 -15.28 2.52
CA ALA A 61 2.35 -13.98 2.15
C ALA A 61 2.68 -12.96 3.23
N GLU A 62 3.03 -11.77 2.80
CA GLU A 62 3.36 -10.69 3.71
C GLU A 62 2.12 -10.24 4.48
N LEU A 63 2.22 -10.25 5.80
CA LEU A 63 1.10 -9.84 6.63
C LEU A 63 1.51 -8.63 7.47
N ARG A 64 0.61 -8.20 8.35
CA ARG A 64 0.86 -7.08 9.24
C ARG A 64 0.15 -7.35 10.56
N ASN A 65 0.85 -7.12 11.67
CA ASN A 65 0.29 -7.33 13.00
C ASN A 65 -0.20 -8.77 13.10
N ALA A 66 0.62 -9.71 12.63
CA ALA A 66 0.25 -11.11 12.66
C ALA A 66 0.59 -11.83 13.96
N THR A 67 0.69 -11.07 15.04
CA THR A 67 1.00 -11.66 16.34
C THR A 67 -0.01 -11.22 17.40
N ALA A 68 -0.37 -12.14 18.28
CA ALA A 68 -1.31 -11.84 19.35
C ALA A 68 -1.01 -12.68 20.58
N ALA A 69 -1.40 -12.17 21.75
CA ALA A 69 -1.17 -12.88 23.00
C ALA A 69 -2.48 -13.46 23.49
N MET A 70 -2.40 -14.71 23.95
CA MET A 70 -3.57 -15.43 24.45
C MET A 70 -3.98 -14.90 25.82
N LYS A 71 -5.15 -14.25 25.88
CA LYS A 71 -5.65 -13.75 27.15
C LYS A 71 -7.02 -14.35 27.45
N ASN A 72 -7.06 -15.22 28.44
CA ASN A 72 -8.30 -15.87 28.84
C ASN A 72 -8.95 -16.69 27.73
N GLN A 73 -8.18 -17.62 27.18
CA GLN A 73 -8.63 -18.53 26.12
C GLN A 73 -8.80 -17.88 24.74
N VAL A 74 -8.52 -16.60 24.63
CA VAL A 74 -8.66 -15.95 23.34
C VAL A 74 -7.51 -15.04 22.92
N ALA A 75 -7.10 -15.20 21.67
CA ALA A 75 -6.04 -14.40 21.08
C ALA A 75 -6.72 -13.36 20.20
N ARG A 76 -6.78 -12.14 20.72
CA ARG A 76 -7.45 -11.04 20.03
C ARG A 76 -6.44 -10.33 19.14
N PHE A 77 -6.45 -10.67 17.86
CA PHE A 77 -5.53 -10.01 16.95
C PHE A 77 -5.94 -8.58 16.66
N ASN A 78 -5.11 -7.66 17.09
CA ASN A 78 -5.37 -6.24 16.87
C ASN A 78 -5.06 -5.93 15.41
N ASP A 79 -6.01 -5.30 14.74
CA ASP A 79 -5.85 -4.92 13.35
C ASP A 79 -4.90 -5.77 12.48
N LEU A 80 -5.30 -7.01 12.20
CA LEU A 80 -4.48 -7.89 11.38
C LEU A 80 -4.79 -7.58 9.92
N ARG A 81 -3.77 -7.57 9.07
CA ARG A 81 -3.98 -7.29 7.65
C ARG A 81 -3.18 -8.19 6.74
N PHE A 82 -3.68 -8.36 5.52
CA PHE A 82 -3.02 -9.17 4.52
C PHE A 82 -2.47 -8.24 3.44
N VAL A 83 -1.15 -8.25 3.26
CA VAL A 83 -0.48 -7.40 2.29
C VAL A 83 -0.24 -8.12 0.97
N GLY A 84 0.31 -9.33 1.04
CA GLY A 84 0.57 -10.10 -0.16
C GLY A 84 -0.71 -10.61 -0.78
N ARG A 85 -0.81 -10.56 -2.10
CA ARG A 85 -2.01 -11.03 -2.80
C ARG A 85 -1.98 -12.55 -2.88
N SER A 86 -3.15 -13.17 -3.05
CA SER A 86 -3.23 -14.63 -3.09
C SER A 86 -3.40 -15.21 -4.48
N GLY A 87 -3.43 -14.34 -5.49
CA GLY A 87 -3.57 -14.83 -6.85
C GLY A 87 -5.01 -14.88 -7.33
N ARG A 88 -5.20 -14.64 -8.62
CA ARG A 88 -6.53 -14.65 -9.22
C ARG A 88 -7.31 -15.92 -8.92
N GLY A 89 -8.51 -15.76 -8.38
CA GLY A 89 -9.35 -16.89 -8.08
C GLY A 89 -8.79 -17.89 -7.08
N LYS A 90 -7.79 -17.49 -6.29
CA LYS A 90 -7.23 -18.40 -5.31
C LYS A 90 -7.19 -17.77 -3.93
N SER A 91 -7.33 -18.59 -2.89
CA SER A 91 -7.33 -18.08 -1.53
C SER A 91 -6.18 -18.59 -0.68
N PHE A 92 -5.89 -17.86 0.39
CA PHE A 92 -4.82 -18.19 1.33
C PHE A 92 -5.28 -19.23 2.34
N THR A 93 -4.32 -19.97 2.89
CA THR A 93 -4.59 -20.95 3.91
C THR A 93 -3.88 -20.40 5.13
N LEU A 94 -4.62 -20.14 6.20
CA LEU A 94 -3.96 -19.60 7.37
C LEU A 94 -3.40 -20.71 8.22
N THR A 95 -2.19 -20.51 8.73
CA THR A 95 -1.56 -21.47 9.60
C THR A 95 -1.41 -20.73 10.91
N ILE A 96 -2.14 -21.19 11.92
CA ILE A 96 -2.11 -20.57 13.24
C ILE A 96 -1.19 -21.38 14.11
N THR A 97 -0.29 -20.69 14.79
CA THR A 97 0.68 -21.33 15.65
C THR A 97 0.51 -20.78 17.06
N VAL A 98 0.19 -21.68 17.99
CA VAL A 98 -0.01 -21.28 19.37
C VAL A 98 1.24 -21.72 20.14
N PHE A 99 2.04 -20.74 20.54
CA PHE A 99 3.30 -20.98 21.23
C PHE A 99 3.29 -21.47 22.67
N THR A 100 2.77 -22.67 22.86
CA THR A 100 2.76 -23.27 24.18
C THR A 100 3.92 -24.28 24.13
N ASN A 101 4.10 -25.08 25.17
CA ASN A 101 5.19 -26.05 25.15
C ASN A 101 4.67 -27.47 25.34
N PRO A 102 4.71 -28.28 24.28
CA PRO A 102 5.20 -27.94 22.95
C PRO A 102 4.20 -27.03 22.23
N PRO A 103 4.59 -26.46 21.09
CA PRO A 103 3.68 -25.57 20.35
C PRO A 103 2.61 -26.39 19.64
N GLN A 104 1.51 -25.72 19.28
CA GLN A 104 0.41 -26.39 18.59
C GLN A 104 0.09 -25.59 17.33
N VAL A 105 -0.36 -26.28 16.29
CA VAL A 105 -0.69 -25.60 15.06
C VAL A 105 -2.04 -26.00 14.48
N ALA A 106 -2.89 -25.03 14.22
CA ALA A 106 -4.20 -25.30 13.65
C ALA A 106 -4.21 -24.66 12.27
N THR A 107 -4.95 -25.24 11.33
CA THR A 107 -5.03 -24.71 9.98
C THR A 107 -6.46 -24.32 9.60
N TYR A 108 -6.55 -23.24 8.82
CA TYR A 108 -7.84 -22.72 8.33
C TYR A 108 -7.65 -22.71 6.81
N HIS A 109 -8.10 -23.78 6.14
CA HIS A 109 -7.94 -23.92 4.70
C HIS A 109 -8.82 -22.98 3.89
N ARG A 110 -8.33 -22.60 2.70
CA ARG A 110 -9.06 -21.72 1.78
C ARG A 110 -9.87 -20.69 2.57
N ALA A 111 -9.18 -19.98 3.44
CA ALA A 111 -9.82 -18.99 4.29
C ALA A 111 -10.09 -17.63 3.70
N ILE A 112 -9.23 -17.15 2.80
CA ILE A 112 -9.49 -15.82 2.27
C ILE A 112 -8.70 -15.43 1.02
N LYS A 113 -9.40 -14.85 0.05
CA LYS A 113 -8.75 -14.41 -1.18
C LYS A 113 -8.41 -12.95 -1.00
N ILE A 114 -7.18 -12.58 -1.31
CA ILE A 114 -6.73 -11.20 -1.18
C ILE A 114 -6.30 -10.64 -2.55
N THR A 115 -6.87 -9.50 -2.92
CA THR A 115 -6.53 -8.86 -4.18
C THR A 115 -6.29 -7.37 -3.98
N VAL A 116 -5.65 -6.76 -4.96
CA VAL A 116 -5.35 -5.34 -4.88
C VAL A 116 -6.60 -4.49 -4.71
N ASP A 117 -7.71 -4.91 -5.29
CA ASP A 117 -8.95 -4.14 -5.16
C ASP A 117 -9.87 -4.66 -4.07
N GLY A 118 -9.89 -5.98 -3.91
CA GLY A 118 -10.77 -6.58 -2.92
C GLY A 118 -12.17 -6.48 -3.50
N PRO A 119 -13.21 -6.80 -2.71
CA PRO A 119 -14.59 -6.72 -3.18
C PRO A 119 -14.88 -5.36 -3.80
N ARG A 120 -15.32 -5.33 -5.05
CA ARG A 120 -15.57 -4.04 -5.67
C ARG A 120 -16.86 -3.91 -6.49
N GLU A 121 -17.41 -2.71 -6.46
CA GLU A 121 -18.64 -2.38 -7.19
C GLU A 121 -18.44 -2.66 -8.68
N PRO A 122 -19.48 -3.14 -9.36
CA PRO A 122 -19.36 -3.43 -10.80
C PRO A 122 -19.10 -2.14 -11.57
N ARG A 123 -18.48 -2.27 -12.75
CA ARG A 123 -18.13 -1.12 -13.57
C ARG A 123 -19.18 -0.83 -14.64
N GLY B 1 -4.46 10.23 -23.48
CA GLY B 1 -4.15 8.80 -23.13
C GLY B 1 -3.87 8.63 -21.66
N PRO B 2 -3.34 7.46 -21.23
CA PRO B 2 -3.03 7.21 -19.82
C PRO B 2 -1.78 7.94 -19.32
N ILE B 3 -1.85 9.27 -19.32
CA ILE B 3 -0.73 10.10 -18.86
C ILE B 3 -0.61 10.03 -17.33
N GLN B 4 0.62 9.98 -16.82
CA GLN B 4 0.82 9.93 -15.39
C GLN B 4 1.33 11.27 -14.89
N LEU B 5 1.03 11.58 -13.64
CA LEU B 5 1.47 12.85 -13.05
C LEU B 5 2.91 13.20 -13.38
N TRP B 6 3.88 12.38 -12.95
CA TRP B 6 5.27 12.71 -13.22
C TRP B 6 5.56 12.99 -14.69
N GLN B 7 4.98 12.20 -15.59
CA GLN B 7 5.18 12.42 -17.01
C GLN B 7 4.61 13.78 -17.43
N PHE B 8 3.44 14.11 -16.89
CA PHE B 8 2.82 15.39 -17.21
C PHE B 8 3.72 16.54 -16.79
N LEU B 9 4.25 16.45 -15.57
CA LEU B 9 5.12 17.51 -15.07
C LEU B 9 6.36 17.61 -15.95
N LEU B 10 6.94 16.45 -16.28
CA LEU B 10 8.13 16.43 -17.12
C LEU B 10 7.86 17.12 -18.46
N GLU B 11 6.64 17.00 -18.96
CA GLU B 11 6.29 17.64 -20.22
C GLU B 11 6.31 19.15 -20.04
N LEU B 12 5.75 19.63 -18.93
CA LEU B 12 5.71 21.06 -18.66
C LEU B 12 7.12 21.61 -18.46
N LEU B 13 7.97 20.81 -17.81
CA LEU B 13 9.34 21.22 -17.53
C LEU B 13 10.21 21.26 -18.78
N THR B 14 9.74 20.65 -19.86
CA THR B 14 10.49 20.65 -21.10
C THR B 14 9.82 21.52 -22.16
N ASP B 15 8.87 22.34 -21.72
CA ASP B 15 8.17 23.28 -22.58
C ASP B 15 8.52 24.64 -21.98
N LYS B 16 9.31 25.44 -22.71
CA LYS B 16 9.74 26.75 -22.21
C LYS B 16 8.61 27.73 -21.90
N SER B 17 7.42 27.47 -22.42
CA SER B 17 6.26 28.34 -22.17
C SER B 17 5.85 28.29 -20.70
N CYS B 18 5.95 27.10 -20.11
CA CYS B 18 5.55 26.87 -18.73
C CYS B 18 6.54 27.29 -17.64
N GLN B 19 7.67 27.89 -18.02
CA GLN B 19 8.67 28.28 -17.03
C GLN B 19 8.27 29.30 -15.99
N SER B 20 7.15 29.99 -16.19
CA SER B 20 6.70 30.98 -15.22
C SER B 20 6.05 30.32 -14.02
N PHE B 21 5.38 29.17 -14.21
CA PHE B 21 4.76 28.48 -13.08
C PHE B 21 5.46 27.20 -12.59
N ILE B 22 6.29 26.61 -13.44
CA ILE B 22 7.06 25.42 -13.07
C ILE B 22 8.40 25.44 -13.81
N SER B 23 9.48 25.20 -13.08
CA SER B 23 10.81 25.26 -13.68
C SER B 23 11.87 24.43 -12.95
N TRP B 24 13.01 24.23 -13.61
CA TRP B 24 14.12 23.49 -13.02
C TRP B 24 14.88 24.47 -12.14
N THR B 25 15.42 23.99 -11.03
CA THR B 25 16.17 24.85 -10.13
C THR B 25 17.59 25.09 -10.64
N GLY B 26 18.05 24.22 -11.53
CA GLY B 26 19.39 24.34 -12.07
C GLY B 26 20.26 23.24 -11.50
N ASP B 27 19.78 22.63 -10.42
CA ASP B 27 20.49 21.55 -9.74
C ASP B 27 19.94 20.19 -10.14
N GLY B 28 20.60 19.54 -11.09
CA GLY B 28 20.18 18.23 -11.53
C GLY B 28 18.74 18.18 -11.98
N TRP B 29 18.02 17.16 -11.54
CA TRP B 29 16.63 16.97 -11.91
C TRP B 29 15.68 17.59 -10.89
N GLU B 30 16.18 18.53 -10.09
CA GLU B 30 15.36 19.21 -9.10
C GLU B 30 14.54 20.30 -9.78
N PHE B 31 13.27 20.43 -9.40
CA PHE B 31 12.40 21.44 -9.99
C PHE B 31 11.50 22.10 -8.96
N LYS B 32 10.85 23.20 -9.36
CA LYS B 32 9.96 23.90 -8.46
C LYS B 32 8.66 24.36 -9.10
N LEU B 33 7.58 24.20 -8.34
CA LEU B 33 6.26 24.61 -8.77
C LEU B 33 6.10 26.02 -8.20
N SER B 34 6.65 27.00 -8.91
CA SER B 34 6.60 28.40 -8.47
C SER B 34 5.16 28.89 -8.35
N ASP B 35 4.25 28.29 -9.13
CA ASP B 35 2.85 28.65 -9.08
C ASP B 35 2.01 27.38 -9.02
N PRO B 36 2.01 26.71 -7.85
CA PRO B 36 1.26 25.47 -7.64
C PRO B 36 -0.18 25.49 -8.19
N ASP B 37 -0.92 26.55 -7.91
CA ASP B 37 -2.31 26.62 -8.35
C ASP B 37 -2.45 26.44 -9.85
N GLU B 38 -1.54 27.06 -10.61
CA GLU B 38 -1.60 26.97 -12.06
C GLU B 38 -1.28 25.56 -12.53
N VAL B 39 -0.22 24.98 -11.98
CA VAL B 39 0.16 23.61 -12.33
C VAL B 39 -1.02 22.69 -12.04
N ALA B 40 -1.60 22.86 -10.86
CA ALA B 40 -2.74 22.04 -10.46
C ALA B 40 -3.90 22.23 -11.42
N ARG B 41 -4.15 23.48 -11.80
CA ARG B 41 -5.24 23.78 -12.72
C ARG B 41 -5.05 23.00 -14.00
N ARG B 42 -3.85 23.07 -14.55
CA ARG B 42 -3.55 22.37 -15.78
C ARG B 42 -3.67 20.86 -15.61
N TRP B 43 -3.05 20.33 -14.56
CA TRP B 43 -3.11 18.91 -14.32
C TRP B 43 -4.57 18.54 -14.24
N GLY B 44 -5.34 19.36 -13.53
CA GLY B 44 -6.75 19.10 -13.41
C GLY B 44 -7.36 18.98 -14.80
N LYS B 45 -7.08 19.98 -15.63
CA LYS B 45 -7.59 20.03 -17.00
C LYS B 45 -7.22 18.84 -17.88
N ARG B 46 -5.98 18.38 -17.74
CA ARG B 46 -5.48 17.25 -18.52
C ARG B 46 -6.13 15.93 -18.12
N LYS B 47 -6.56 15.84 -16.86
CA LYS B 47 -7.19 14.64 -16.34
C LYS B 47 -8.69 14.78 -16.25
N ASN B 48 -9.17 15.99 -16.53
CA ASN B 48 -10.59 16.29 -16.44
C ASN B 48 -11.04 16.17 -14.99
N LYS B 49 -10.49 17.03 -14.14
CA LYS B 49 -10.79 17.05 -12.72
C LYS B 49 -10.76 18.51 -12.27
N PRO B 50 -11.79 19.27 -12.64
CA PRO B 50 -11.97 20.70 -12.32
C PRO B 50 -11.62 21.06 -10.88
N LYS B 51 -11.94 20.17 -9.95
CA LYS B 51 -11.68 20.41 -8.54
C LYS B 51 -10.23 20.17 -8.13
N MET B 52 -9.40 19.72 -9.05
CA MET B 52 -7.99 19.44 -8.74
C MET B 52 -7.28 20.68 -8.21
N ASN B 53 -6.39 20.49 -7.24
CA ASN B 53 -5.59 21.59 -6.69
C ASN B 53 -4.22 21.05 -6.24
N TYR B 54 -3.36 21.93 -5.73
CA TYR B 54 -2.02 21.51 -5.30
C TYR B 54 -2.04 20.51 -4.15
N GLU B 55 -2.98 20.72 -3.24
CA GLU B 55 -3.11 19.87 -2.08
C GLU B 55 -3.32 18.41 -2.48
N LYS B 56 -4.04 18.19 -3.57
CA LYS B 56 -4.30 16.83 -4.05
C LYS B 56 -3.20 16.37 -5.02
N LEU B 57 -2.69 17.30 -5.81
CA LEU B 57 -1.65 16.97 -6.75
C LEU B 57 -0.42 16.55 -5.95
N SER B 58 -0.14 17.25 -4.85
CA SER B 58 1.01 16.92 -4.02
C SER B 58 0.85 15.51 -3.42
N ARG B 59 -0.39 15.05 -3.25
CA ARG B 59 -0.59 13.70 -2.72
C ARG B 59 -0.10 12.75 -3.78
N GLY B 60 -0.36 13.11 -5.03
CA GLY B 60 0.08 12.29 -6.16
C GLY B 60 1.58 12.10 -6.03
N LEU B 61 2.30 13.22 -5.97
CA LEU B 61 3.75 13.21 -5.85
C LEU B 61 4.24 12.42 -4.65
N ARG B 62 3.55 12.53 -3.52
CA ARG B 62 4.00 11.82 -2.34
C ARG B 62 3.97 10.32 -2.51
N TYR B 63 3.11 9.82 -3.40
CA TYR B 63 3.07 8.38 -3.63
C TYR B 63 4.34 7.92 -4.35
N TYR B 64 5.05 8.87 -4.98
CA TYR B 64 6.27 8.54 -5.70
C TYR B 64 7.48 8.32 -4.80
N TYR B 65 7.52 9.00 -3.66
CA TYR B 65 8.65 8.87 -2.74
C TYR B 65 9.03 7.41 -2.58
N ASP B 66 8.04 6.60 -2.25
CA ASP B 66 8.18 5.18 -2.05
C ASP B 66 8.66 4.45 -3.31
N LYS B 67 8.13 4.86 -4.45
CA LYS B 67 8.43 4.24 -5.74
C LYS B 67 9.70 4.79 -6.41
N ASN B 68 10.45 5.61 -5.68
CA ASN B 68 11.67 6.22 -6.20
C ASN B 68 11.59 6.85 -7.59
N ILE B 69 10.50 7.58 -7.83
CA ILE B 69 10.29 8.27 -9.09
C ILE B 69 10.62 9.74 -8.82
N ILE B 70 10.11 10.24 -7.69
CA ILE B 70 10.32 11.61 -7.28
C ILE B 70 10.40 11.72 -5.76
N HIS B 71 11.28 12.60 -5.27
CA HIS B 71 11.41 12.82 -3.84
C HIS B 71 11.23 14.31 -3.53
N LYS B 72 11.01 14.61 -2.25
CA LYS B 72 10.83 15.99 -1.83
C LYS B 72 12.15 16.62 -1.45
N THR B 73 12.32 17.89 -1.73
CA THR B 73 13.54 18.56 -1.33
C THR B 73 13.14 19.19 -0.01
N ALA B 74 13.63 18.63 1.07
CA ALA B 74 13.30 19.11 2.40
C ALA B 74 13.67 20.58 2.61
N GLY B 75 12.73 21.34 3.17
CA GLY B 75 12.99 22.75 3.44
C GLY B 75 12.66 23.73 2.33
N LYS B 76 12.54 23.23 1.10
CA LYS B 76 12.23 24.14 -0.01
C LYS B 76 10.78 24.03 -0.50
N ARG B 77 9.99 25.06 -0.23
CA ARG B 77 8.58 25.09 -0.61
C ARG B 77 8.33 24.80 -2.08
N TYR B 78 7.45 23.84 -2.35
CA TYR B 78 7.09 23.43 -3.70
C TYR B 78 8.27 22.91 -4.52
N VAL B 79 9.22 22.28 -3.84
CA VAL B 79 10.40 21.78 -4.52
C VAL B 79 10.61 20.27 -4.40
N TYR B 80 10.74 19.64 -5.56
CA TYR B 80 10.96 18.21 -5.64
C TYR B 80 12.12 17.88 -6.56
N ARG B 81 12.40 16.60 -6.69
CA ARG B 81 13.51 16.17 -7.53
C ARG B 81 13.24 14.80 -8.16
N PHE B 82 13.36 14.71 -9.48
CA PHE B 82 13.17 13.41 -10.13
C PHE B 82 14.39 12.58 -9.70
N VAL B 83 14.14 11.41 -9.11
CA VAL B 83 15.24 10.55 -8.69
C VAL B 83 15.35 9.33 -9.61
N CYS B 84 14.45 9.23 -10.58
CA CYS B 84 14.52 8.12 -11.51
C CYS B 84 15.60 8.46 -12.56
N ASP B 85 15.73 7.62 -13.58
CA ASP B 85 16.76 7.83 -14.57
C ASP B 85 16.29 8.59 -15.81
N LEU B 86 16.27 9.92 -15.71
CA LEU B 86 15.84 10.72 -16.84
C LEU B 86 16.81 10.71 -18.02
N GLN B 87 18.11 10.76 -17.77
CA GLN B 87 19.06 10.73 -18.89
C GLN B 87 18.65 9.64 -19.87
N SER B 88 18.40 8.44 -19.34
CA SER B 88 18.00 7.30 -20.17
C SER B 88 16.71 7.61 -20.89
N LEU B 89 15.80 8.26 -20.20
CA LEU B 89 14.51 8.58 -20.79
C LEU B 89 14.57 9.64 -21.88
N LEU B 90 15.28 10.72 -21.65
CA LEU B 90 15.34 11.76 -22.65
C LEU B 90 16.73 12.04 -23.24
N GLY B 91 17.62 11.08 -23.04
CA GLY B 91 18.98 11.17 -23.56
C GLY B 91 19.74 12.46 -23.41
N TYR B 92 19.59 13.12 -22.26
CA TYR B 92 20.29 14.36 -22.03
C TYR B 92 20.69 14.51 -20.58
N THR B 93 21.93 14.92 -20.35
CA THR B 93 22.38 15.13 -18.99
C THR B 93 21.61 16.37 -18.54
N PRO B 94 21.37 16.51 -17.23
CA PRO B 94 20.65 17.70 -16.78
C PRO B 94 21.28 18.99 -17.29
N GLU B 95 22.60 19.04 -17.31
CA GLU B 95 23.33 20.23 -17.79
C GLU B 95 22.94 20.60 -19.23
N GLU B 96 22.80 19.59 -20.09
CA GLU B 96 22.43 19.85 -21.47
C GLU B 96 20.99 20.33 -21.54
N LEU B 97 20.13 19.73 -20.74
CA LEU B 97 18.72 20.10 -20.74
C LEU B 97 18.57 21.52 -20.22
N HIS B 98 19.28 21.83 -19.14
CA HIS B 98 19.22 23.16 -18.56
C HIS B 98 19.67 24.19 -19.60
N ALA B 99 20.55 23.78 -20.50
CA ALA B 99 21.05 24.67 -21.53
C ALA B 99 19.99 24.90 -22.62
N MET B 100 19.35 23.82 -23.04
CA MET B 100 18.31 23.90 -24.07
C MET B 100 17.18 24.80 -23.64
N LEU B 101 16.90 24.79 -22.33
CA LEU B 101 15.80 25.56 -21.77
C LEU B 101 16.24 26.92 -21.27
N ASP B 102 17.53 27.17 -21.34
CA ASP B 102 18.08 28.45 -20.91
C ASP B 102 17.72 28.65 -19.44
N VAL B 103 17.73 27.56 -18.70
CA VAL B 103 17.44 27.58 -17.27
C VAL B 103 18.49 28.46 -16.63
N LYS B 104 18.01 29.52 -16.00
CA LYS B 104 18.85 30.52 -15.35
C LYS B 104 19.90 30.01 -14.34
N PRO B 105 19.49 29.60 -13.14
CA PRO B 105 20.45 29.12 -12.12
C PRO B 105 21.42 28.01 -12.55
#